data_3JWB
#
_entry.id   3JWB
#
_cell.length_a   56.76
_cell.length_b   123.15
_cell.length_c   127.62
_cell.angle_alpha   90.00
_cell.angle_beta   90.00
_cell.angle_gamma   90.00
#
_symmetry.space_group_name_H-M   'I 2 2 2'
#
loop_
_entity.id
_entity.type
_entity.pdbx_description
1 polymer 'Methionine gamma-lyase'
2 non-polymer NORLEUCINE
3 non-polymer DI(HYDROXYETHYL)ETHER
4 water water
#
_entity_poly.entity_id   1
_entity_poly.type   'polypeptide(L)'
_entity_poly.pdbx_seq_one_letter_code
;MSD(CSO)RTYGFNTQIVHAGQQPDPSTGALSTPIFQTSTFVFDSAEQGAARFALEESGYIYTRLGNPTTDALEKKLAVL
ERGEAGLATASGISAITTTLLTLCQQGDHIVSASAIYGCTHAFLSHSMPKFGINVSFVDAAKPEEIRAAMRPETKVVYIE
TPANPTLSLVDIETVAGIAHQQGALLVVDNTFMSPYCQQPLQLGADIVVHSVT(LLP)YINGHGDVIGGIIVGKQEFIDQ
ARFVGLKDITGGCMSPFNAWLTLRGVKTLGIRMERHCENALKIARFLEGHPSITRVYYPGLSSHPQYELGQRQMSLPGGI
ISFEIAGGLEAGRRMINSVELCLLAVSLGDTETLIQHPASMTHSPVAPEERLKAGITDGLIRLSVGLEDPEDIINDLEHA
IRKATF
;
_entity_poly.pdbx_strand_id   A
#
# COMPACT_ATOMS: atom_id res chain seq x y z
N SER A 2 14.00 -8.16 25.66
CA SER A 2 14.69 -6.89 25.50
C SER A 2 13.71 -5.82 25.03
N ASP A 3 14.19 -4.94 24.16
CA ASP A 3 13.33 -4.00 23.45
C ASP A 3 13.20 -4.51 22.02
N ARG A 5 12.64 -3.16 19.29
CA ARG A 5 13.28 -2.35 18.25
C ARG A 5 14.77 -2.64 18.10
N THR A 6 15.29 -3.58 18.88
CA THR A 6 16.72 -3.91 18.81
C THR A 6 17.05 -5.15 17.97
N TYR A 7 16.06 -6.01 17.75
CA TYR A 7 16.30 -7.26 17.03
C TYR A 7 16.34 -7.08 15.51
N GLY A 8 16.77 -8.14 14.82
CA GLY A 8 16.77 -8.18 13.37
C GLY A 8 15.36 -8.07 12.80
N PHE A 9 15.26 -7.72 11.52
CA PHE A 9 13.97 -7.41 10.91
C PHE A 9 13.01 -8.61 10.88
N ASN A 10 13.55 -9.80 10.63
CA ASN A 10 12.72 -11.00 10.62
C ASN A 10 12.19 -11.30 12.02
N THR A 11 13.05 -11.11 13.01
CA THR A 11 12.67 -11.28 14.40
C THR A 11 11.55 -10.29 14.76
N GLN A 12 11.69 -9.06 14.29
CA GLN A 12 10.68 -8.03 14.54
C GLN A 12 9.35 -8.39 13.88
N ILE A 13 9.44 -8.88 12.65
CA ILE A 13 8.25 -9.29 11.93
C ILE A 13 7.46 -10.28 12.77
N VAL A 14 8.15 -11.25 13.35
CA VAL A 14 7.51 -12.26 14.17
C VAL A 14 7.03 -11.73 15.52
N HIS A 15 7.89 -10.97 16.21
CA HIS A 15 7.63 -10.65 17.63
C HIS A 15 7.13 -9.25 17.96
N ALA A 16 7.52 -8.24 17.18
CA ALA A 16 7.24 -6.86 17.54
C ALA A 16 5.75 -6.61 17.78
N GLY A 17 5.44 -5.93 18.87
CA GLY A 17 4.06 -5.57 19.18
C GLY A 17 3.30 -6.69 19.88
N GLN A 18 3.89 -7.87 19.95
CA GLN A 18 3.21 -9.04 20.51
C GLN A 18 3.97 -9.66 21.68
N GLN A 19 3.23 -10.31 22.57
CA GLN A 19 3.82 -11.06 23.66
C GLN A 19 2.77 -12.02 24.18
N PRO A 20 3.18 -13.02 24.97
CA PRO A 20 2.15 -13.92 25.50
C PRO A 20 1.13 -13.17 26.34
N ASP A 21 -0.13 -13.62 26.32
CA ASP A 21 -1.17 -13.00 27.11
C ASP A 21 -0.78 -13.00 28.59
N PRO A 22 -0.89 -11.84 29.25
CA PRO A 22 -0.48 -11.71 30.66
C PRO A 22 -1.30 -12.54 31.64
N SER A 23 -2.58 -12.78 31.32
CA SER A 23 -3.46 -13.51 32.24
C SER A 23 -3.30 -15.01 32.18
N THR A 24 -2.97 -15.51 30.99
CA THR A 24 -3.08 -16.94 30.71
C THR A 24 -1.81 -17.54 30.10
N GLY A 25 -0.99 -16.70 29.49
CA GLY A 25 0.19 -17.17 28.79
C GLY A 25 -0.09 -17.60 27.35
N ALA A 26 -1.33 -17.41 26.90
CA ALA A 26 -1.68 -17.77 25.53
C ALA A 26 -0.67 -17.15 24.56
N LEU A 27 -0.09 -17.96 23.69
CA LEU A 27 0.94 -17.43 22.80
C LEU A 27 0.35 -16.55 21.70
N SER A 28 -0.66 -17.06 20.99
CA SER A 28 -1.35 -16.24 19.99
C SER A 28 -2.01 -15.04 20.66
N THR A 29 -1.92 -13.88 20.02
CA THR A 29 -2.63 -12.71 20.50
C THR A 29 -4.11 -13.07 20.55
N PRO A 30 -4.73 -12.90 21.73
CA PRO A 30 -6.16 -13.22 21.81
C PRO A 30 -6.96 -12.34 20.87
N ILE A 31 -8.05 -12.85 20.33
CA ILE A 31 -8.96 -12.01 19.56
C ILE A 31 -9.92 -11.36 20.54
N PHE A 32 -9.69 -10.09 20.82
CA PHE A 32 -10.56 -9.34 21.72
C PHE A 32 -11.75 -8.80 20.93
N GLN A 33 -12.61 -9.71 20.50
CA GLN A 33 -13.77 -9.38 19.70
C GLN A 33 -14.85 -8.87 20.65
N THR A 34 -14.70 -7.61 21.05
CA THR A 34 -15.60 -6.97 21.99
C THR A 34 -15.90 -5.56 21.49
N SER A 35 -17.03 -5.01 21.89
CA SER A 35 -17.25 -3.59 21.70
C SER A 35 -16.94 -2.89 23.02
N THR A 36 -17.48 -3.45 24.09
CA THR A 36 -17.47 -2.87 25.43
C THR A 36 -16.23 -3.24 26.25
N PHE A 37 -15.77 -2.30 27.08
CA PHE A 37 -14.77 -2.58 28.10
C PHE A 37 -15.31 -2.13 29.46
N VAL A 38 -15.04 -2.92 30.49
CA VAL A 38 -15.60 -2.68 31.82
C VAL A 38 -14.60 -2.02 32.76
N PHE A 39 -15.08 -1.06 33.55
CA PHE A 39 -14.25 -0.38 34.54
C PHE A 39 -14.47 -0.96 35.93
N ASP A 40 -13.41 -0.94 36.74
CA ASP A 40 -13.47 -1.48 38.09
C ASP A 40 -14.15 -0.51 39.04
N SER A 41 -14.09 0.78 38.71
CA SER A 41 -14.69 1.81 39.55
C SER A 41 -15.00 3.04 38.72
N ALA A 42 -15.79 3.95 39.30
CA ALA A 42 -16.06 5.23 38.66
C ALA A 42 -14.74 5.93 38.37
N GLU A 43 -13.84 5.90 39.35
CA GLU A 43 -12.53 6.52 39.23
C GLU A 43 -11.71 5.98 38.05
N GLN A 44 -11.71 4.67 37.88
CA GLN A 44 -10.96 4.06 36.77
C GLN A 44 -11.50 4.53 35.43
N GLY A 45 -12.82 4.59 35.33
CA GLY A 45 -13.46 5.07 34.11
C GLY A 45 -13.09 6.51 33.82
N ALA A 46 -13.06 7.32 34.87
CA ALA A 46 -12.71 8.73 34.74
C ALA A 46 -11.24 8.89 34.31
N ALA A 47 -10.36 8.14 34.97
CA ALA A 47 -8.95 8.20 34.66
C ALA A 47 -8.71 7.95 33.17
N ARG A 48 -9.21 6.83 32.67
CA ARG A 48 -9.05 6.49 31.26
C ARG A 48 -9.59 7.59 30.35
N PHE A 49 -10.78 8.08 30.67
CA PHE A 49 -11.45 9.08 29.86
C PHE A 49 -10.76 10.45 29.87
N ALA A 50 -10.04 10.74 30.95
CA ALA A 50 -9.60 12.10 31.24
C ALA A 50 -9.01 12.92 30.06
N LEU A 51 -8.00 12.42 29.35
CA LEU A 51 -7.47 11.06 29.48
C LEU A 51 -6.16 11.00 30.25
N GLU A 52 -6.22 11.26 31.56
CA GLU A 52 -5.04 11.15 32.40
C GLU A 52 -4.34 9.82 32.16
N GLU A 53 -5.08 8.73 32.25
CA GLU A 53 -4.48 7.39 32.35
C GLU A 53 -4.77 6.46 31.16
N SER A 54 -4.05 5.35 31.10
CA SER A 54 -4.12 4.41 29.99
C SER A 54 -4.96 3.16 30.28
N GLY A 55 -5.36 2.48 29.22
CA GLY A 55 -6.27 1.35 29.31
C GLY A 55 -7.31 1.48 28.21
N TYR A 56 -8.23 0.54 28.13
CA TYR A 56 -9.21 0.54 27.05
C TYR A 56 -10.58 1.01 27.47
N ILE A 57 -11.40 1.40 26.50
CA ILE A 57 -12.70 2.01 26.77
C ILE A 57 -13.77 1.45 25.86
N TYR A 58 -13.44 1.40 24.57
CA TYR A 58 -14.42 1.09 23.53
C TYR A 58 -13.66 0.84 22.23
N THR A 59 -14.01 -0.23 21.53
CA THR A 59 -13.20 -0.68 20.39
C THR A 59 -13.00 0.34 19.27
N ARG A 60 -13.96 1.24 19.06
CA ARG A 60 -13.75 2.27 18.04
C ARG A 60 -12.55 3.14 18.40
N LEU A 61 -12.32 3.33 19.70
CA LEU A 61 -11.22 4.17 20.16
C LEU A 61 -9.90 3.41 20.21
N GLY A 62 -9.96 2.13 20.59
CA GLY A 62 -8.77 1.30 20.71
C GLY A 62 -9.10 -0.08 21.24
N ASN A 63 -8.22 -1.04 20.98
CA ASN A 63 -8.49 -2.44 21.27
C ASN A 63 -7.14 -3.18 21.39
N PRO A 64 -7.06 -4.16 22.30
CA PRO A 64 -5.77 -4.84 22.53
C PRO A 64 -5.24 -5.57 21.31
N THR A 65 -6.11 -6.21 20.53
CA THR A 65 -5.66 -6.94 19.35
C THR A 65 -5.14 -5.97 18.30
N THR A 66 -5.89 -4.90 18.06
CA THR A 66 -5.53 -3.93 17.04
CA THR A 66 -5.51 -3.95 17.03
C THR A 66 -4.28 -3.15 17.45
N ASP A 67 -4.14 -2.91 18.75
CA ASP A 67 -2.98 -2.24 19.29
C ASP A 67 -1.69 -3.00 18.97
N ALA A 68 -1.73 -4.32 19.11
CA ALA A 68 -0.59 -5.15 18.77
C ALA A 68 -0.15 -4.95 17.32
N LEU A 69 -1.13 -4.95 16.40
CA LEU A 69 -0.85 -4.72 15.00
C LEU A 69 -0.26 -3.33 14.75
N GLU A 70 -0.86 -2.33 15.39
CA GLU A 70 -0.38 -0.95 15.23
C GLU A 70 1.06 -0.83 15.71
N LYS A 71 1.37 -1.45 16.84
CA LYS A 71 2.73 -1.37 17.38
C LYS A 71 3.72 -2.12 16.50
N LYS A 72 3.31 -3.26 15.97
CA LYS A 72 4.20 -4.02 15.08
C LYS A 72 4.56 -3.22 13.84
N LEU A 73 3.57 -2.66 13.16
CA LEU A 73 3.83 -1.92 11.93
C LEU A 73 4.61 -0.64 12.19
N ALA A 74 4.39 -0.02 13.36
CA ALA A 74 5.22 1.14 13.73
C ALA A 74 6.67 0.71 13.80
N VAL A 75 6.92 -0.43 14.43
CA VAL A 75 8.29 -0.94 14.51
C VAL A 75 8.86 -1.22 13.12
N LEU A 76 8.10 -1.92 12.28
CA LEU A 76 8.58 -2.30 10.95
C LEU A 76 8.89 -1.10 10.06
N GLU A 77 8.11 -0.03 10.17
CA GLU A 77 8.35 1.19 9.39
C GLU A 77 9.29 2.19 10.07
N ARG A 78 9.77 1.84 11.26
CA ARG A 78 10.57 2.76 12.08
C ARG A 78 9.86 4.08 12.34
N GLY A 79 8.58 4.01 12.66
CA GLY A 79 7.80 5.16 13.07
C GLY A 79 7.40 5.07 14.52
N GLU A 80 6.86 6.15 15.07
CA GLU A 80 6.55 6.20 16.49
C GLU A 80 5.29 5.42 16.84
N ALA A 81 4.26 5.54 16.01
CA ALA A 81 2.96 4.98 16.35
C ALA A 81 2.17 4.55 15.11
N GLY A 82 1.23 3.64 15.31
CA GLY A 82 0.42 3.14 14.21
C GLY A 82 -1.06 3.31 14.50
N LEU A 83 -1.86 3.30 13.44
CA LEU A 83 -3.31 3.37 13.56
C LEU A 83 -3.94 2.53 12.46
N ALA A 84 -4.66 1.48 12.84
CA ALA A 84 -5.30 0.57 11.90
C ALA A 84 -6.63 1.12 11.44
N THR A 85 -7.04 0.76 10.22
CA THR A 85 -8.28 1.27 9.66
C THR A 85 -9.04 0.21 8.88
N ALA A 86 -10.28 0.56 8.53
CA ALA A 86 -11.21 -0.35 7.87
C ALA A 86 -10.78 -0.73 6.47
N SER A 87 -9.93 0.10 5.87
CA SER A 87 -9.48 -0.13 4.50
C SER A 87 -8.28 0.75 4.18
N GLY A 88 -7.57 0.41 3.11
CA GLY A 88 -6.51 1.25 2.62
C GLY A 88 -7.01 2.66 2.33
N ILE A 89 -8.15 2.73 1.66
CA ILE A 89 -8.77 4.03 1.39
C ILE A 89 -8.97 4.82 2.68
N SER A 90 -9.52 4.18 3.70
CA SER A 90 -9.74 4.87 4.97
C SER A 90 -8.43 5.33 5.62
N ALA A 91 -7.35 4.58 5.42
CA ALA A 91 -6.05 5.02 5.92
C ALA A 91 -5.66 6.36 5.26
N ILE A 92 -5.85 6.44 3.96
CA ILE A 92 -5.50 7.63 3.19
C ILE A 92 -6.40 8.82 3.53
N THR A 93 -7.71 8.57 3.60
CA THR A 93 -8.63 9.68 3.82
C THR A 93 -8.67 10.14 5.28
N THR A 94 -8.52 9.20 6.22
CA THR A 94 -8.43 9.56 7.61
C THR A 94 -7.22 10.47 7.80
N THR A 95 -6.10 10.09 7.20
CA THR A 95 -4.90 10.92 7.24
C THR A 95 -5.12 12.33 6.67
N LEU A 96 -5.60 12.42 5.44
CA LEU A 96 -5.71 13.70 4.76
C LEU A 96 -6.82 14.59 5.32
N LEU A 97 -7.92 13.99 5.75
CA LEU A 97 -9.01 14.76 6.33
C LEU A 97 -8.67 15.22 7.74
N THR A 98 -7.69 14.56 8.36
CA THR A 98 -7.19 14.99 9.65
C THR A 98 -6.29 16.22 9.46
N LEU A 99 -5.48 16.19 8.41
CA LEU A 99 -4.48 17.23 8.17
C LEU A 99 -5.04 18.48 7.50
N CYS A 100 -6.06 18.32 6.66
CA CYS A 100 -6.49 19.41 5.80
C CYS A 100 -7.90 19.93 6.12
N GLN A 101 -8.13 21.19 5.80
CA GLN A 101 -9.45 21.80 5.96
C GLN A 101 -9.67 22.76 4.80
N GLN A 102 -10.89 23.29 4.67
CA GLN A 102 -11.19 24.16 3.54
C GLN A 102 -10.15 25.27 3.39
N GLY A 103 -9.71 25.49 2.15
CA GLY A 103 -8.69 26.49 1.88
C GLY A 103 -7.30 25.90 1.77
N ASP A 104 -7.12 24.68 2.29
CA ASP A 104 -5.82 24.01 2.22
C ASP A 104 -5.57 23.42 0.82
N HIS A 105 -4.33 23.03 0.57
CA HIS A 105 -3.92 22.57 -0.74
C HIS A 105 -3.07 21.30 -0.65
N ILE A 106 -3.18 20.44 -1.65
CA ILE A 106 -2.38 19.22 -1.71
C ILE A 106 -1.74 19.10 -3.08
N VAL A 107 -0.45 18.76 -3.08
CA VAL A 107 0.23 18.40 -4.32
C VAL A 107 0.34 16.88 -4.35
N SER A 108 -0.24 16.26 -5.38
CA SER A 108 -0.25 14.81 -5.46
C SER A 108 0.31 14.30 -6.78
N ALA A 109 0.95 13.13 -6.73
CA ALA A 109 1.34 12.43 -7.94
C ALA A 109 0.10 12.14 -8.75
N SER A 110 0.24 12.11 -10.08
CA SER A 110 -0.85 11.69 -10.95
C SER A 110 -0.94 10.17 -10.98
N ALA A 111 0.23 9.53 -10.99
CA ALA A 111 0.31 8.07 -11.05
C ALA A 111 0.00 7.45 -9.69
N ILE A 112 -1.28 7.45 -9.32
CA ILE A 112 -1.69 6.90 -8.04
C ILE A 112 -2.86 5.94 -8.20
N TYR A 113 -3.13 5.18 -7.14
CA TYR A 113 -4.26 4.28 -7.07
C TYR A 113 -5.56 5.01 -7.49
N GLY A 114 -6.34 4.35 -8.33
CA GLY A 114 -7.50 4.97 -8.94
C GLY A 114 -8.50 5.56 -7.95
N CYS A 115 -8.84 4.80 -6.93
CA CYS A 115 -9.81 5.27 -5.95
C CYS A 115 -9.26 6.46 -5.16
N THR A 116 -7.96 6.46 -4.92
CA THR A 116 -7.32 7.60 -4.30
C THR A 116 -7.46 8.82 -5.21
N HIS A 117 -7.30 8.59 -6.52
CA HIS A 117 -7.41 9.68 -7.48
C HIS A 117 -8.82 10.26 -7.45
N ALA A 118 -9.83 9.38 -7.35
CA ALA A 118 -11.21 9.83 -7.31
C ALA A 118 -11.49 10.70 -6.10
N PHE A 119 -10.96 10.30 -4.95
CA PHE A 119 -11.09 11.08 -3.72
C PHE A 119 -10.47 12.46 -3.89
N LEU A 120 -9.23 12.48 -4.38
CA LEU A 120 -8.51 13.74 -4.57
C LEU A 120 -9.11 14.61 -5.67
N SER A 121 -9.62 14.00 -6.73
CA SER A 121 -10.12 14.74 -7.89
C SER A 121 -11.50 15.34 -7.65
N HIS A 122 -12.37 14.58 -6.99
CA HIS A 122 -13.77 14.96 -6.92
C HIS A 122 -14.26 15.30 -5.52
N SER A 123 -13.85 14.50 -4.53
CA SER A 123 -14.34 14.70 -3.18
C SER A 123 -13.65 15.83 -2.42
N MET A 124 -12.32 15.85 -2.44
CA MET A 124 -11.59 16.91 -1.74
C MET A 124 -12.02 18.32 -2.13
N PRO A 125 -12.08 18.61 -3.44
CA PRO A 125 -12.45 19.97 -3.84
C PRO A 125 -13.83 20.37 -3.33
N LYS A 126 -14.72 19.40 -3.14
CA LYS A 126 -16.06 19.73 -2.67
C LYS A 126 -16.05 20.12 -1.19
N PHE A 127 -14.95 19.83 -0.51
CA PHE A 127 -14.76 20.27 0.86
C PHE A 127 -13.86 21.50 0.95
N GLY A 128 -13.61 22.14 -0.19
CA GLY A 128 -12.79 23.34 -0.22
C GLY A 128 -11.30 23.08 -0.16
N ILE A 129 -10.93 21.81 -0.29
CA ILE A 129 -9.52 21.42 -0.28
C ILE A 129 -9.07 21.13 -1.71
N ASN A 130 -8.16 21.97 -2.22
CA ASN A 130 -7.74 21.87 -3.62
C ASN A 130 -6.52 20.97 -3.82
N VAL A 131 -6.47 20.32 -4.97
CA VAL A 131 -5.41 19.37 -5.27
C VAL A 131 -4.79 19.65 -6.64
N SER A 132 -3.46 19.71 -6.68
CA SER A 132 -2.74 19.81 -7.94
C SER A 132 -2.04 18.49 -8.23
N PHE A 133 -2.28 17.94 -9.42
CA PHE A 133 -1.66 16.69 -9.83
C PHE A 133 -0.45 16.95 -10.71
N VAL A 134 0.62 16.21 -10.46
CA VAL A 134 1.88 16.39 -11.17
C VAL A 134 2.52 15.02 -11.46
N ASP A 135 3.53 15.02 -12.32
CA ASP A 135 4.34 13.83 -12.53
C ASP A 135 5.43 13.78 -11.47
N ALA A 136 5.24 12.93 -10.48
CA ALA A 136 6.12 12.89 -9.31
C ALA A 136 7.48 12.28 -9.61
N ALA A 137 7.63 11.69 -10.80
CA ALA A 137 8.93 11.21 -11.25
C ALA A 137 9.83 12.40 -11.60
N LYS A 138 9.22 13.58 -11.66
CA LYS A 138 9.94 14.82 -11.94
C LYS A 138 9.79 15.76 -10.75
N PRO A 139 10.74 15.69 -9.80
CA PRO A 139 10.62 16.43 -8.55
C PRO A 139 10.42 17.94 -8.73
N GLU A 140 10.89 18.48 -9.85
CA GLU A 140 10.72 19.90 -10.12
C GLU A 140 9.25 20.29 -10.30
N GLU A 141 8.44 19.36 -10.80
CA GLU A 141 7.01 19.62 -10.97
C GLU A 141 6.32 19.68 -9.62
N ILE A 142 6.81 18.89 -8.68
CA ILE A 142 6.31 18.97 -7.31
C ILE A 142 6.60 20.36 -6.74
N ARG A 143 7.85 20.80 -6.82
CA ARG A 143 8.22 22.12 -6.33
C ARG A 143 7.38 23.23 -6.95
N ALA A 144 7.21 23.16 -8.28
CA ALA A 144 6.53 24.23 -9.01
C ALA A 144 5.06 24.35 -8.63
N ALA A 145 4.49 23.25 -8.15
CA ALA A 145 3.06 23.22 -7.85
C ALA A 145 2.77 23.66 -6.41
N MET A 146 3.81 23.83 -5.61
CA MET A 146 3.60 24.18 -4.21
CA MET A 146 3.66 24.20 -4.20
C MET A 146 3.10 25.61 -4.03
N ARG A 147 2.14 25.77 -3.11
CA ARG A 147 1.54 27.06 -2.82
C ARG A 147 1.68 27.39 -1.34
N PRO A 148 1.44 28.65 -0.96
CA PRO A 148 1.45 28.97 0.46
C PRO A 148 0.49 28.07 1.26
N GLU A 149 -0.56 27.60 0.61
CA GLU A 149 -1.60 26.83 1.29
C GLU A 149 -1.33 25.32 1.32
N THR A 150 -0.25 24.91 0.68
CA THR A 150 0.07 23.48 0.59
C THR A 150 0.44 22.88 1.94
N LYS A 151 -0.34 21.89 2.36
CA LYS A 151 -0.12 21.22 3.63
C LYS A 151 0.57 19.87 3.45
N VAL A 152 0.33 19.26 2.30
CA VAL A 152 0.73 17.87 2.06
C VAL A 152 1.20 17.64 0.63
N VAL A 153 2.25 16.85 0.49
CA VAL A 153 2.63 16.27 -0.79
C VAL A 153 2.38 14.78 -0.69
N TYR A 154 1.69 14.22 -1.67
CA TYR A 154 1.27 12.82 -1.60
C TYR A 154 1.82 12.01 -2.78
N ILE A 155 2.47 10.89 -2.47
CA ILE A 155 3.08 10.08 -3.53
C ILE A 155 2.93 8.57 -3.27
N GLU A 156 2.99 7.79 -4.35
CA GLU A 156 3.08 6.34 -4.30
C GLU A 156 4.34 5.93 -5.04
N THR A 157 5.05 4.93 -4.54
CA THR A 157 6.17 4.38 -5.29
C THR A 157 6.54 2.95 -4.86
N PRO A 158 6.63 2.03 -5.83
CA PRO A 158 6.34 2.20 -7.25
C PRO A 158 4.88 2.55 -7.51
N ALA A 159 4.60 3.07 -8.69
CA ALA A 159 3.25 3.51 -9.05
C ALA A 159 2.67 2.74 -10.21
N ASN A 160 1.35 2.52 -10.17
CA ASN A 160 0.63 1.96 -11.31
C ASN A 160 0.64 2.92 -12.48
N PRO A 161 0.48 2.40 -13.71
CA PRO A 161 0.36 0.98 -14.02
C PRO A 161 1.68 0.44 -14.55
N THR A 162 2.67 1.33 -14.65
CA THR A 162 3.92 1.03 -15.31
C THR A 162 5.07 0.95 -14.32
N LEU A 163 4.75 0.94 -13.03
CA LEU A 163 5.75 0.80 -11.98
C LEU A 163 6.88 1.82 -12.07
N SER A 164 6.52 3.06 -12.37
CA SER A 164 7.47 4.15 -12.31
C SER A 164 7.77 4.45 -10.84
N LEU A 165 8.88 5.13 -10.59
CA LEU A 165 9.32 5.38 -9.22
C LEU A 165 9.25 6.86 -8.85
N VAL A 166 9.32 7.13 -7.55
CA VAL A 166 9.42 8.48 -7.03
C VAL A 166 10.56 8.50 -6.02
N ASP A 167 11.44 9.50 -6.14
CA ASP A 167 12.59 9.66 -5.26
C ASP A 167 12.13 10.23 -3.93
N ILE A 168 11.88 9.36 -2.97
CA ILE A 168 11.32 9.76 -1.69
C ILE A 168 12.18 10.78 -0.95
N GLU A 169 13.48 10.49 -0.84
CA GLU A 169 14.38 11.37 -0.11
C GLU A 169 14.40 12.79 -0.71
N THR A 170 14.43 12.85 -2.04
CA THR A 170 14.48 14.14 -2.72
C THR A 170 13.19 14.92 -2.56
N VAL A 171 12.06 14.22 -2.72
CA VAL A 171 10.76 14.84 -2.56
C VAL A 171 10.53 15.30 -1.12
N ALA A 172 10.96 14.48 -0.16
CA ALA A 172 10.86 14.86 1.25
C ALA A 172 11.55 16.19 1.49
N GLY A 173 12.76 16.34 0.97
CA GLY A 173 13.51 17.57 1.13
C GLY A 173 12.80 18.78 0.55
N ILE A 174 12.22 18.62 -0.63
CA ILE A 174 11.46 19.68 -1.28
C ILE A 174 10.23 20.06 -0.46
N ALA A 175 9.44 19.05 -0.07
CA ALA A 175 8.24 19.29 0.70
C ALA A 175 8.56 20.04 1.99
N HIS A 176 9.56 19.56 2.71
CA HIS A 176 9.93 20.15 3.99
C HIS A 176 10.44 21.58 3.90
N GLN A 177 11.18 21.88 2.84
CA GLN A 177 11.69 23.24 2.67
C GLN A 177 10.54 24.23 2.49
N GLN A 178 9.45 23.75 1.90
CA GLN A 178 8.29 24.61 1.65
C GLN A 178 7.23 24.43 2.73
N GLY A 179 7.60 23.77 3.82
CA GLY A 179 6.76 23.69 5.00
C GLY A 179 5.63 22.68 4.94
N ALA A 180 5.73 21.71 4.03
CA ALA A 180 4.66 20.71 3.91
C ALA A 180 5.09 19.35 4.44
N LEU A 181 4.11 18.49 4.72
CA LEU A 181 4.36 17.12 5.12
C LEU A 181 4.43 16.22 3.88
N LEU A 182 5.22 15.16 3.96
CA LEU A 182 5.23 14.16 2.89
C LEU A 182 4.52 12.89 3.35
N VAL A 183 3.49 12.50 2.61
CA VAL A 183 2.78 11.26 2.88
C VAL A 183 3.07 10.28 1.75
N VAL A 184 3.50 9.08 2.11
CA VAL A 184 3.82 8.07 1.11
C VAL A 184 2.97 6.82 1.28
N ASP A 185 2.35 6.39 0.19
CA ASP A 185 1.65 5.12 0.15
C ASP A 185 2.66 4.02 -0.16
N ASN A 186 2.93 3.17 0.82
CA ASN A 186 3.97 2.14 0.74
C ASN A 186 3.39 0.74 0.49
N THR A 187 2.13 0.68 0.06
CA THR A 187 1.42 -0.57 -0.15
C THR A 187 2.16 -1.58 -1.03
N PHE A 188 2.67 -1.12 -2.16
CA PHE A 188 3.29 -2.01 -3.14
C PHE A 188 4.53 -2.73 -2.60
N MET A 189 5.28 -2.07 -1.75
CA MET A 189 6.56 -2.62 -1.30
C MET A 189 6.48 -3.37 0.04
N SER A 190 5.68 -2.84 0.95
CA SER A 190 5.67 -3.29 2.35
C SER A 190 6.93 -2.79 3.03
N PRO A 191 6.93 -2.74 4.36
CA PRO A 191 8.11 -2.27 5.10
C PRO A 191 9.34 -3.17 4.87
N TYR A 192 9.12 -4.41 4.43
CA TYR A 192 10.24 -5.31 4.17
C TYR A 192 11.12 -4.85 3.01
N CYS A 193 10.53 -4.10 2.08
CA CYS A 193 11.23 -3.73 0.85
C CYS A 193 11.53 -2.24 0.73
N GLN A 194 10.77 -1.41 1.45
CA GLN A 194 10.97 0.03 1.38
C GLN A 194 10.52 0.68 2.68
N GLN A 195 11.28 1.67 3.14
CA GLN A 195 10.96 2.35 4.39
C GLN A 195 10.97 3.87 4.24
N PRO A 196 9.84 4.43 3.77
CA PRO A 196 9.78 5.85 3.45
C PRO A 196 10.13 6.76 4.62
N LEU A 197 9.77 6.39 5.84
CA LEU A 197 10.09 7.23 6.99
C LEU A 197 11.59 7.39 7.17
N GLN A 198 12.34 6.33 6.83
CA GLN A 198 13.79 6.36 6.95
C GLN A 198 14.40 7.30 5.92
N LEU A 199 13.62 7.62 4.89
CA LEU A 199 14.10 8.47 3.80
C LEU A 199 13.55 9.89 3.90
N GLY A 200 12.85 10.18 4.99
CA GLY A 200 12.41 11.54 5.25
C GLY A 200 10.90 11.77 5.22
N ALA A 201 10.14 10.78 4.78
CA ALA A 201 8.68 10.93 4.77
C ALA A 201 8.18 11.14 6.20
N ASP A 202 7.04 11.80 6.34
CA ASP A 202 6.46 12.07 7.66
C ASP A 202 5.44 11.03 8.06
N ILE A 203 4.69 10.54 7.08
CA ILE A 203 3.61 9.61 7.32
C ILE A 203 3.59 8.56 6.23
N VAL A 204 3.38 7.30 6.62
CA VAL A 204 3.27 6.20 5.67
C VAL A 204 1.88 5.60 5.79
N VAL A 205 1.25 5.30 4.67
CA VAL A 205 -0.02 4.58 4.69
C VAL A 205 0.09 3.30 3.88
N HIS A 206 -0.65 2.27 4.30
CA HIS A 206 -0.77 1.03 3.55
C HIS A 206 -2.21 0.61 3.42
N SER A 207 -2.52 -0.03 2.29
CA SER A 207 -3.62 -0.97 2.26
C SER A 207 -3.02 -2.30 2.72
N VAL A 208 -3.37 -2.77 3.92
CA VAL A 208 -2.86 -4.06 4.38
C VAL A 208 -3.54 -5.19 3.63
N THR A 209 -4.58 -4.83 2.89
CA THR A 209 -5.28 -5.76 2.02
C THR A 209 -4.31 -6.49 1.10
N TYR A 211 0.11 -6.88 0.47
CA TYR A 211 1.18 -7.74 0.98
C TYR A 211 1.25 -7.92 2.50
N ILE A 212 0.90 -6.90 3.27
CA ILE A 212 1.05 -6.99 4.71
C ILE A 212 0.21 -8.14 5.27
N ASN A 213 -1.07 -8.18 4.91
CA ASN A 213 -1.87 -9.36 5.22
C ASN A 213 -1.48 -10.54 4.33
N GLY A 214 -1.43 -10.32 3.03
CA GLY A 214 -0.88 -11.27 2.08
C GLY A 214 -1.73 -12.47 1.70
N HIS A 215 -2.87 -12.63 2.37
CA HIS A 215 -3.67 -13.85 2.18
C HIS A 215 -5.05 -13.63 1.53
N GLY A 216 -5.27 -12.42 1.03
CA GLY A 216 -6.42 -12.15 0.19
C GLY A 216 -7.75 -12.34 0.90
N ASP A 217 -7.76 -12.06 2.19
CA ASP A 217 -8.98 -12.31 2.97
C ASP A 217 -9.27 -11.20 3.97
N VAL A 218 -8.53 -10.10 3.85
CA VAL A 218 -8.73 -8.95 4.71
C VAL A 218 -8.73 -7.66 3.90
N ILE A 219 -9.75 -6.83 4.09
CA ILE A 219 -9.69 -5.42 3.67
C ILE A 219 -9.30 -4.60 4.90
N GLY A 220 -8.26 -3.80 4.78
CA GLY A 220 -7.79 -3.02 5.92
C GLY A 220 -6.70 -2.06 5.52
N GLY A 221 -6.44 -1.09 6.39
CA GLY A 221 -5.35 -0.15 6.16
C GLY A 221 -4.59 0.11 7.44
N ILE A 222 -3.46 0.81 7.29
CA ILE A 222 -2.69 1.20 8.46
C ILE A 222 -2.03 2.55 8.18
N ILE A 223 -1.87 3.36 9.22
CA ILE A 223 -1.16 4.62 9.11
C ILE A 223 -0.04 4.57 10.13
N VAL A 224 1.15 5.00 9.74
CA VAL A 224 2.28 5.08 10.67
C VAL A 224 2.91 6.46 10.61
N GLY A 225 3.28 7.01 11.77
CA GLY A 225 3.82 8.35 11.83
C GLY A 225 4.16 8.74 13.25
N LYS A 226 4.39 10.03 13.47
CA LYS A 226 4.68 10.57 14.79
C LYS A 226 3.50 10.37 15.73
N GLN A 227 3.80 10.19 17.02
CA GLN A 227 2.77 10.01 18.03
C GLN A 227 1.78 11.18 18.04
N GLU A 228 2.29 12.40 17.92
CA GLU A 228 1.45 13.59 17.94
CA GLU A 228 1.42 13.57 17.96
C GLU A 228 0.43 13.59 16.80
N PHE A 229 0.88 13.17 15.61
CA PHE A 229 -0.03 13.09 14.48
C PHE A 229 -1.01 11.94 14.62
N ILE A 230 -0.48 10.76 14.95
CA ILE A 230 -1.32 9.58 15.06
C ILE A 230 -2.44 9.78 16.07
N ASP A 231 -2.14 10.45 17.18
CA ASP A 231 -3.15 10.72 18.20
C ASP A 231 -4.31 11.55 17.64
N GLN A 232 -3.98 12.49 16.77
CA GLN A 232 -5.00 13.31 16.12
C GLN A 232 -5.77 12.47 15.10
N ALA A 233 -5.06 11.63 14.35
CA ALA A 233 -5.73 10.75 13.39
C ALA A 233 -6.70 9.80 14.10
N ARG A 234 -6.36 9.41 15.32
CA ARG A 234 -7.19 8.48 16.07
C ARG A 234 -8.36 9.18 16.75
N PHE A 235 -8.05 10.20 17.53
CA PHE A 235 -9.07 10.83 18.37
C PHE A 235 -9.92 11.89 17.66
N VAL A 236 -9.52 12.26 16.44
CA VAL A 236 -10.36 13.14 15.62
C VAL A 236 -10.72 12.51 14.28
N GLY A 237 -9.70 12.15 13.49
CA GLY A 237 -9.93 11.60 12.17
C GLY A 237 -10.77 10.34 12.17
N LEU A 238 -10.37 9.35 12.94
CA LEU A 238 -11.10 8.09 12.98
C LEU A 238 -12.36 8.21 13.83
N LYS A 239 -12.21 8.77 15.03
CA LYS A 239 -13.29 8.84 16.00
C LYS A 239 -14.48 9.66 15.51
N ASP A 240 -14.18 10.79 14.87
CA ASP A 240 -15.21 11.75 14.51
C ASP A 240 -15.55 11.80 13.02
N ILE A 241 -14.53 11.68 12.17
CA ILE A 241 -14.70 11.96 10.75
C ILE A 241 -15.04 10.75 9.86
N THR A 242 -14.13 9.78 9.77
CA THR A 242 -14.36 8.63 8.90
C THR A 242 -15.05 7.45 9.60
N GLY A 243 -14.81 7.31 10.90
CA GLY A 243 -15.33 6.18 11.65
C GLY A 243 -14.76 4.86 11.15
N GLY A 244 -13.65 4.93 10.42
CA GLY A 244 -13.11 3.77 9.75
C GLY A 244 -12.24 2.85 10.59
N CYS A 245 -12.79 2.34 11.69
CA CYS A 245 -12.00 1.47 12.56
C CYS A 245 -11.92 0.04 12.01
N MET A 246 -10.85 -0.65 12.41
CA MET A 246 -10.63 -2.03 12.00
C MET A 246 -11.23 -2.99 13.03
N SER A 247 -11.88 -4.04 12.53
CA SER A 247 -12.43 -5.05 13.43
CA SER A 247 -12.43 -5.08 13.39
C SER A 247 -11.30 -5.86 14.06
N PRO A 248 -11.46 -6.21 15.35
CA PRO A 248 -10.39 -6.96 16.01
C PRO A 248 -10.04 -8.25 15.28
N PHE A 249 -11.04 -8.91 14.69
CA PHE A 249 -10.80 -10.15 13.93
C PHE A 249 -9.91 -9.87 12.72
N ASN A 250 -10.19 -8.77 12.02
CA ASN A 250 -9.35 -8.36 10.91
C ASN A 250 -7.92 -8.05 11.34
N ALA A 251 -7.77 -7.43 12.50
CA ALA A 251 -6.43 -7.13 13.00
C ALA A 251 -5.69 -8.43 13.32
N TRP A 252 -6.43 -9.39 13.88
CA TRP A 252 -5.83 -10.66 14.25
C TRP A 252 -5.37 -11.42 13.01
N LEU A 253 -6.20 -11.42 11.96
CA LEU A 253 -5.81 -12.05 10.72
C LEU A 253 -4.60 -11.37 10.10
N THR A 254 -4.58 -10.04 10.14
CA THR A 254 -3.44 -9.30 9.59
C THR A 254 -2.16 -9.58 10.40
N LEU A 255 -2.27 -9.62 11.72
CA LEU A 255 -1.13 -10.04 12.55
C LEU A 255 -0.64 -11.43 12.13
N ARG A 256 -1.58 -12.32 11.85
CA ARG A 256 -1.25 -13.69 11.46
C ARG A 256 -0.54 -13.70 10.10
N GLY A 257 -1.09 -12.94 9.16
CA GLY A 257 -0.52 -12.86 7.83
C GLY A 257 0.86 -12.23 7.80
N VAL A 258 1.06 -11.19 8.60
CA VAL A 258 2.34 -10.47 8.57
C VAL A 258 3.49 -11.31 9.16
N LYS A 259 3.15 -12.35 9.93
CA LYS A 259 4.18 -13.24 10.49
C LYS A 259 5.10 -13.77 9.40
N THR A 260 4.55 -14.01 8.20
CA THR A 260 5.33 -14.56 7.09
C THR A 260 5.76 -13.51 6.06
N LEU A 261 5.67 -12.23 6.41
CA LEU A 261 5.93 -11.16 5.45
C LEU A 261 7.31 -11.27 4.79
N GLY A 262 8.32 -11.52 5.61
CA GLY A 262 9.69 -11.62 5.12
C GLY A 262 9.85 -12.72 4.09
N ILE A 263 9.45 -13.94 4.47
CA ILE A 263 9.61 -15.07 3.56
C ILE A 263 8.69 -14.96 2.36
N ARG A 264 7.51 -14.35 2.54
CA ARG A 264 6.62 -14.14 1.40
C ARG A 264 7.24 -13.16 0.40
N MET A 265 7.70 -12.00 0.88
CA MET A 265 8.29 -11.02 -0.03
C MET A 265 9.50 -11.59 -0.76
N GLU A 266 10.36 -12.32 -0.06
CA GLU A 266 11.51 -12.96 -0.73
C GLU A 266 11.05 -13.83 -1.90
N ARG A 267 10.01 -14.64 -1.69
CA ARG A 267 9.57 -15.56 -2.73
C ARG A 267 8.81 -14.82 -3.84
N HIS A 268 7.95 -13.88 -3.46
CA HIS A 268 7.25 -13.06 -4.45
C HIS A 268 8.25 -12.45 -5.42
N CYS A 269 9.30 -11.86 -4.87
CA CYS A 269 10.27 -11.11 -5.67
C CYS A 269 11.20 -12.03 -6.45
N GLU A 270 11.56 -13.16 -5.86
CA GLU A 270 12.38 -14.14 -6.57
C GLU A 270 11.59 -14.65 -7.76
N ASN A 271 10.32 -14.97 -7.54
CA ASN A 271 9.45 -15.41 -8.63
C ASN A 271 9.24 -14.34 -9.70
N ALA A 272 9.00 -13.11 -9.27
CA ALA A 272 8.72 -12.02 -10.21
C ALA A 272 9.91 -11.73 -11.12
N LEU A 273 11.11 -11.76 -10.55
CA LEU A 273 12.32 -11.49 -11.35
C LEU A 273 12.47 -12.53 -12.46
N LYS A 274 12.24 -13.79 -12.12
CA LYS A 274 12.31 -14.87 -13.12
C LYS A 274 11.27 -14.68 -14.22
N ILE A 275 10.06 -14.32 -13.83
CA ILE A 275 8.98 -14.13 -14.78
C ILE A 275 9.24 -12.88 -15.63
N ALA A 276 9.75 -11.84 -15.00
CA ALA A 276 10.06 -10.60 -15.71
C ALA A 276 11.11 -10.86 -16.79
N ARG A 277 12.12 -11.65 -16.47
CA ARG A 277 13.17 -11.96 -17.43
C ARG A 277 12.63 -12.81 -18.58
N PHE A 278 11.73 -13.74 -18.27
CA PHE A 278 11.10 -14.55 -19.29
C PHE A 278 10.33 -13.65 -20.27
N LEU A 279 9.53 -12.75 -19.71
CA LEU A 279 8.73 -11.85 -20.53
C LEU A 279 9.61 -10.96 -21.39
N GLU A 280 10.71 -10.48 -20.82
CA GLU A 280 11.59 -9.60 -21.58
C GLU A 280 12.25 -10.33 -22.75
N GLY A 281 12.33 -11.65 -22.66
CA GLY A 281 12.93 -12.44 -23.72
C GLY A 281 11.94 -12.91 -24.75
N HIS A 282 10.67 -12.59 -24.56
CA HIS A 282 9.61 -13.12 -25.42
C HIS A 282 9.30 -12.18 -26.58
N PRO A 283 9.49 -12.64 -27.82
CA PRO A 283 9.33 -11.79 -29.00
C PRO A 283 7.90 -11.28 -29.21
N SER A 284 6.93 -11.84 -28.48
CA SER A 284 5.54 -11.41 -28.58
C SER A 284 5.20 -10.34 -27.55
N ILE A 285 6.15 -10.03 -26.68
CA ILE A 285 5.95 -9.03 -25.65
C ILE A 285 6.75 -7.77 -26.01
N THR A 286 6.06 -6.65 -26.20
CA THR A 286 6.72 -5.41 -26.64
C THR A 286 7.48 -4.71 -25.51
N ARG A 287 6.88 -4.65 -24.34
CA ARG A 287 7.51 -3.99 -23.19
C ARG A 287 7.28 -4.78 -21.90
N VAL A 288 8.25 -4.69 -20.99
CA VAL A 288 8.05 -5.25 -19.66
C VAL A 288 8.46 -4.21 -18.63
N TYR A 289 7.54 -3.92 -17.71
CA TYR A 289 7.78 -2.93 -16.68
C TYR A 289 8.04 -3.62 -15.36
N TYR A 290 9.29 -3.58 -14.91
CA TYR A 290 9.66 -4.18 -13.65
C TYR A 290 10.94 -3.56 -13.11
N PRO A 291 10.91 -3.12 -11.84
CA PRO A 291 12.08 -2.43 -11.28
C PRO A 291 13.35 -3.28 -11.26
N GLY A 292 13.21 -4.60 -11.39
CA GLY A 292 14.35 -5.49 -11.35
C GLY A 292 15.06 -5.65 -12.68
N LEU A 293 14.49 -5.12 -13.75
CA LEU A 293 15.16 -5.15 -15.05
C LEU A 293 16.01 -3.89 -15.24
N SER A 294 17.23 -4.07 -15.73
CA SER A 294 18.16 -2.96 -15.89
CA SER A 294 18.17 -2.96 -15.90
C SER A 294 17.65 -1.89 -16.86
N SER A 295 16.75 -2.28 -17.76
CA SER A 295 16.21 -1.36 -18.74
C SER A 295 15.21 -0.37 -18.13
N HIS A 296 14.79 -0.61 -16.89
CA HIS A 296 13.86 0.28 -16.21
C HIS A 296 14.44 1.68 -16.08
N PRO A 297 13.67 2.70 -16.51
CA PRO A 297 14.09 4.11 -16.58
C PRO A 297 14.76 4.64 -15.29
N GLN A 298 14.31 4.15 -14.15
CA GLN A 298 14.81 4.63 -12.87
C GLN A 298 15.48 3.50 -12.10
N TYR A 299 16.16 2.63 -12.82
CA TYR A 299 16.74 1.42 -12.23
C TYR A 299 17.64 1.71 -11.03
N GLU A 300 18.58 2.64 -11.19
CA GLU A 300 19.52 2.94 -10.11
C GLU A 300 18.85 3.54 -8.88
N LEU A 301 17.88 4.42 -9.11
CA LEU A 301 17.07 4.92 -8.00
C LEU A 301 16.40 3.76 -7.27
N GLY A 302 15.88 2.81 -8.04
CA GLY A 302 15.24 1.64 -7.45
C GLY A 302 16.17 0.84 -6.57
N GLN A 303 17.42 0.69 -7.02
CA GLN A 303 18.40 -0.08 -6.27
C GLN A 303 18.78 0.59 -4.95
N ARG A 304 18.70 1.91 -4.89
CA ARG A 304 19.06 2.64 -3.67
C ARG A 304 17.90 2.68 -2.69
N GLN A 305 16.69 2.72 -3.22
CA GLN A 305 15.51 3.00 -2.43
C GLN A 305 14.76 1.74 -2.00
N MET A 306 14.94 0.66 -2.75
CA MET A 306 14.18 -0.58 -2.52
C MET A 306 15.14 -1.73 -2.29
N SER A 307 14.85 -2.57 -1.30
CA SER A 307 15.73 -3.71 -1.00
C SER A 307 15.49 -4.88 -1.95
N LEU A 308 14.27 -4.93 -2.49
CA LEU A 308 13.90 -5.91 -3.52
C LEU A 308 13.02 -5.20 -4.54
N PRO A 309 13.00 -5.70 -5.79
CA PRO A 309 12.25 -5.04 -6.86
C PRO A 309 10.72 -5.25 -6.85
N GLY A 310 10.21 -6.04 -5.92
CA GLY A 310 8.76 -6.20 -5.76
C GLY A 310 8.17 -7.41 -6.47
N GLY A 311 6.89 -7.66 -6.23
CA GLY A 311 6.22 -8.82 -6.79
C GLY A 311 5.27 -8.50 -7.93
N ILE A 312 5.27 -7.23 -8.36
CA ILE A 312 4.34 -6.79 -9.40
C ILE A 312 5.05 -6.55 -10.72
N ILE A 313 4.43 -7.01 -11.80
CA ILE A 313 4.95 -6.79 -13.15
C ILE A 313 3.83 -6.34 -14.07
N SER A 314 4.11 -5.36 -14.92
CA SER A 314 3.21 -5.02 -16.00
CA SER A 314 3.20 -5.05 -16.00
C SER A 314 3.92 -5.24 -17.33
N PHE A 315 3.17 -5.56 -18.37
CA PHE A 315 3.79 -5.78 -19.67
C PHE A 315 2.78 -5.57 -20.79
N GLU A 316 3.29 -5.30 -21.99
CA GLU A 316 2.42 -5.08 -23.14
C GLU A 316 2.58 -6.22 -24.11
N ILE A 317 1.46 -6.79 -24.52
CA ILE A 317 1.48 -7.88 -25.48
C ILE A 317 1.25 -7.34 -26.89
N ALA A 318 1.97 -7.92 -27.85
CA ALA A 318 1.79 -7.57 -29.26
C ALA A 318 0.33 -7.73 -29.67
N GLY A 319 -0.19 -6.78 -30.43
CA GLY A 319 -1.54 -6.90 -30.96
C GLY A 319 -2.60 -6.13 -30.20
N GLY A 320 -2.17 -5.31 -29.25
CA GLY A 320 -3.08 -4.44 -28.51
C GLY A 320 -4.24 -5.12 -27.80
N LEU A 321 -5.40 -4.47 -27.85
CA LEU A 321 -6.55 -4.86 -27.06
C LEU A 321 -7.02 -6.30 -27.29
N GLU A 322 -7.22 -6.68 -28.55
CA GLU A 322 -7.69 -8.03 -28.86
C GLU A 322 -6.72 -9.09 -28.36
N ALA A 323 -5.43 -8.84 -28.55
CA ALA A 323 -4.41 -9.76 -28.08
C ALA A 323 -4.46 -9.88 -26.56
N GLY A 324 -4.63 -8.74 -25.89
CA GLY A 324 -4.67 -8.73 -24.44
C GLY A 324 -5.86 -9.50 -23.89
N ARG A 325 -6.99 -9.37 -24.56
CA ARG A 325 -8.21 -10.06 -24.16
C ARG A 325 -8.05 -11.57 -24.35
N ARG A 326 -7.53 -11.95 -25.51
CA ARG A 326 -7.28 -13.36 -25.82
C ARG A 326 -6.34 -13.97 -24.80
N MET A 327 -5.30 -13.24 -24.44
CA MET A 327 -4.28 -13.75 -23.52
CA MET A 327 -4.28 -13.73 -23.52
C MET A 327 -4.86 -14.05 -22.14
N ILE A 328 -5.56 -13.07 -21.56
CA ILE A 328 -6.13 -13.27 -20.22
C ILE A 328 -7.22 -14.33 -20.21
N ASN A 329 -7.90 -14.52 -21.35
CA ASN A 329 -8.90 -15.56 -21.47
C ASN A 329 -8.30 -16.94 -21.73
N SER A 330 -6.97 -16.97 -21.84
CA SER A 330 -6.27 -18.21 -22.18
C SER A 330 -5.43 -18.77 -21.05
N VAL A 331 -5.28 -18.01 -19.97
CA VAL A 331 -4.53 -18.50 -18.81
C VAL A 331 -5.33 -19.57 -18.06
N GLU A 332 -4.64 -20.54 -17.49
CA GLU A 332 -5.27 -21.66 -16.77
C GLU A 332 -4.93 -21.67 -15.29
N LEU A 333 -3.84 -21.00 -14.93
CA LEU A 333 -3.37 -20.99 -13.54
C LEU A 333 -3.52 -19.61 -12.89
N CYS A 334 -2.97 -18.58 -13.53
CA CYS A 334 -3.19 -17.20 -13.09
C CYS A 334 -4.68 -16.95 -13.02
N LEU A 335 -5.11 -16.19 -12.00
CA LEU A 335 -6.53 -15.91 -11.82
C LEU A 335 -6.89 -14.48 -12.20
N LEU A 336 -7.97 -14.31 -12.96
CA LEU A 336 -8.44 -12.99 -13.37
C LEU A 336 -9.10 -12.26 -12.21
N ALA A 337 -8.45 -11.21 -11.71
CA ALA A 337 -8.95 -10.47 -10.56
C ALA A 337 -8.22 -9.15 -10.41
N VAL A 338 -8.84 -8.23 -9.67
N VAL A 338 -8.75 -8.22 -9.62
CA VAL A 338 -8.16 -7.02 -9.24
CA VAL A 338 -8.18 -6.88 -9.59
C VAL A 338 -7.52 -7.33 -7.91
C VAL A 338 -7.36 -6.48 -8.35
N SER A 339 -6.94 -6.30 -7.30
N SER A 339 -7.11 -7.43 -7.44
CA SER A 339 -6.13 -6.48 -6.10
CA SER A 339 -6.31 -7.15 -6.24
C SER A 339 -4.81 -7.15 -6.46
C SER A 339 -4.86 -7.57 -6.45
N LEU A 340 -4.01 -7.41 -5.44
CA LEU A 340 -2.64 -7.86 -5.59
C LEU A 340 -2.05 -8.21 -4.23
N GLY A 341 -0.89 -8.86 -4.25
CA GLY A 341 -0.22 -9.21 -3.01
C GLY A 341 -0.78 -10.43 -2.31
N ASP A 342 -1.54 -11.26 -3.03
CA ASP A 342 -2.08 -12.50 -2.51
C ASP A 342 -1.08 -13.65 -2.76
N THR A 343 -1.37 -14.83 -2.22
CA THR A 343 -0.46 -15.97 -2.40
C THR A 343 -0.65 -16.58 -3.78
N GLU A 344 -1.83 -16.35 -4.35
CA GLU A 344 -2.11 -16.78 -5.73
C GLU A 344 -1.72 -15.70 -6.73
N THR A 345 -1.23 -16.12 -7.90
CA THR A 345 -0.92 -15.19 -8.98
C THR A 345 -2.20 -14.64 -9.60
N LEU A 346 -2.30 -13.31 -9.64
CA LEU A 346 -3.47 -12.63 -10.18
C LEU A 346 -3.08 -11.84 -11.41
N ILE A 347 -3.99 -11.77 -12.38
CA ILE A 347 -3.72 -11.12 -13.64
C ILE A 347 -4.91 -10.27 -14.05
N GLN A 348 -4.65 -9.14 -14.71
CA GLN A 348 -5.75 -8.31 -15.18
C GLN A 348 -5.33 -7.52 -16.41
N HIS A 349 -6.30 -7.20 -17.25
CA HIS A 349 -6.08 -6.49 -18.49
C HIS A 349 -6.98 -5.27 -18.52
N PRO A 350 -6.52 -4.16 -17.93
CA PRO A 350 -7.33 -2.96 -17.69
C PRO A 350 -8.16 -2.50 -18.90
N ALA A 351 -7.59 -2.56 -20.10
CA ALA A 351 -8.27 -2.04 -21.28
C ALA A 351 -9.58 -2.78 -21.60
N SER A 352 -9.62 -4.08 -21.32
CA SER A 352 -10.81 -4.88 -21.65
C SER A 352 -11.64 -5.21 -20.42
N MET A 353 -11.11 -4.92 -19.23
CA MET A 353 -11.74 -5.36 -18.00
C MET A 353 -12.27 -4.24 -17.11
N THR A 354 -11.40 -3.27 -16.80
CA THR A 354 -11.76 -2.22 -15.86
C THR A 354 -11.87 -0.86 -16.52
N HIS A 355 -11.39 -0.75 -17.75
CA HIS A 355 -11.42 0.53 -18.46
C HIS A 355 -11.99 0.39 -19.87
N SER A 356 -12.79 -0.64 -20.08
CA SER A 356 -13.40 -0.87 -21.38
C SER A 356 -14.21 0.33 -21.90
N PRO A 357 -14.96 1.01 -21.01
CA PRO A 357 -15.77 2.16 -21.43
C PRO A 357 -14.99 3.47 -21.49
N VAL A 358 -13.82 3.51 -20.86
CA VAL A 358 -12.99 4.72 -20.88
C VAL A 358 -12.48 4.96 -22.29
N ALA A 359 -12.46 6.23 -22.71
CA ALA A 359 -12.01 6.60 -24.04
C ALA A 359 -10.60 6.09 -24.29
N PRO A 360 -10.41 5.36 -25.40
CA PRO A 360 -9.11 4.79 -25.78
C PRO A 360 -7.98 5.80 -25.66
N GLU A 361 -8.24 7.03 -26.12
CA GLU A 361 -7.23 8.08 -26.11
C GLU A 361 -7.04 8.66 -24.72
N GLU A 362 -8.07 8.55 -23.88
CA GLU A 362 -7.99 9.02 -22.50
C GLU A 362 -7.27 8.01 -21.60
N ARG A 363 -7.35 6.74 -21.97
CA ARG A 363 -6.60 5.69 -21.27
C ARG A 363 -5.12 5.87 -21.55
N LEU A 364 -4.79 6.06 -22.83
CA LEU A 364 -3.41 6.27 -23.26
C LEU A 364 -2.76 7.40 -22.46
N LYS A 365 -3.54 8.44 -22.18
CA LYS A 365 -3.05 9.56 -21.38
C LYS A 365 -2.73 9.06 -19.97
N ALA A 366 -3.57 8.18 -19.45
CA ALA A 366 -3.38 7.64 -18.11
C ALA A 366 -2.23 6.62 -18.07
N GLY A 367 -1.69 6.29 -19.23
CA GLY A 367 -0.60 5.34 -19.31
C GLY A 367 -1.08 3.91 -19.50
N ILE A 368 -2.38 3.77 -19.72
CA ILE A 368 -2.97 2.45 -19.93
C ILE A 368 -3.13 2.17 -21.42
N THR A 369 -2.20 1.41 -21.97
CA THR A 369 -2.26 1.03 -23.37
C THR A 369 -3.16 -0.18 -23.58
N ASP A 370 -3.61 -0.38 -24.80
CA ASP A 370 -4.54 -1.45 -25.12
C ASP A 370 -3.99 -2.85 -24.82
N GLY A 371 -2.67 -3.00 -24.85
CA GLY A 371 -2.05 -4.30 -24.65
C GLY A 371 -1.45 -4.47 -23.27
N LEU A 372 -1.70 -3.51 -22.38
CA LEU A 372 -1.08 -3.54 -21.06
C LEU A 372 -1.74 -4.59 -20.16
N ILE A 373 -0.92 -5.48 -19.62
CA ILE A 373 -1.38 -6.49 -18.67
C ILE A 373 -0.67 -6.25 -17.35
N ARG A 374 -1.40 -6.35 -16.24
CA ARG A 374 -0.77 -6.28 -14.92
C ARG A 374 -0.81 -7.64 -14.23
N LEU A 375 0.33 -8.03 -13.68
CA LEU A 375 0.48 -9.35 -13.07
C LEU A 375 0.95 -9.21 -11.63
N SER A 376 0.21 -9.81 -10.70
CA SER A 376 0.63 -9.91 -9.31
C SER A 376 1.17 -11.32 -9.08
N VAL A 377 2.48 -11.45 -8.96
CA VAL A 377 3.11 -12.76 -8.89
C VAL A 377 2.96 -13.40 -7.51
N GLY A 378 2.45 -14.62 -7.48
CA GLY A 378 2.20 -15.33 -6.23
C GLY A 378 3.31 -16.29 -5.81
N LEU A 379 2.95 -17.29 -5.00
CA LEU A 379 3.94 -18.17 -4.38
C LEU A 379 4.04 -19.52 -5.09
N GLU A 380 3.39 -19.67 -6.23
CA GLU A 380 3.47 -20.91 -7.00
C GLU A 380 4.88 -21.13 -7.53
N ASP A 381 5.14 -22.32 -8.05
CA ASP A 381 6.41 -22.55 -8.74
C ASP A 381 6.49 -21.62 -9.95
N PRO A 382 7.58 -20.84 -10.06
CA PRO A 382 7.69 -19.90 -11.18
C PRO A 382 7.61 -20.59 -12.52
N GLU A 383 8.10 -21.83 -12.59
CA GLU A 383 8.04 -22.58 -13.83
C GLU A 383 6.60 -22.82 -14.29
N ASP A 384 5.70 -23.03 -13.33
CA ASP A 384 4.29 -23.23 -13.68
C ASP A 384 3.65 -21.94 -14.18
N ILE A 385 3.97 -20.82 -13.52
N ILE A 385 3.98 -20.82 -13.52
CA ILE A 385 3.46 -19.52 -13.94
CA ILE A 385 3.47 -19.53 -13.93
C ILE A 385 3.98 -19.17 -15.33
C ILE A 385 3.99 -19.16 -15.32
N ILE A 386 5.27 -19.39 -15.55
CA ILE A 386 5.88 -19.10 -16.84
C ILE A 386 5.24 -19.95 -17.94
N ASN A 387 5.03 -21.24 -17.66
CA ASN A 387 4.39 -22.12 -18.64
C ASN A 387 2.98 -21.67 -18.97
N ASP A 388 2.23 -21.23 -17.96
CA ASP A 388 0.87 -20.73 -18.16
C ASP A 388 0.90 -19.46 -19.03
N LEU A 389 1.80 -18.54 -18.69
CA LEU A 389 1.95 -17.31 -19.48
C LEU A 389 2.36 -17.61 -20.92
N GLU A 390 3.35 -18.48 -21.08
CA GLU A 390 3.85 -18.83 -22.40
CA GLU A 390 3.84 -18.81 -22.42
C GLU A 390 2.73 -19.43 -23.25
N HIS A 391 1.92 -20.26 -22.61
CA HIS A 391 0.81 -20.93 -23.27
C HIS A 391 -0.23 -19.90 -23.74
N ALA A 392 -0.59 -18.99 -22.84
CA ALA A 392 -1.60 -17.99 -23.14
C ALA A 392 -1.11 -16.98 -24.17
N ILE A 393 0.14 -16.56 -24.04
CA ILE A 393 0.73 -15.60 -24.98
C ILE A 393 0.79 -16.20 -26.37
N ARG A 394 1.27 -17.44 -26.45
CA ARG A 394 1.40 -18.13 -27.72
C ARG A 394 0.06 -18.20 -28.43
N LYS A 395 -0.99 -18.51 -27.67
CA LYS A 395 -2.33 -18.59 -28.22
C LYS A 395 -2.84 -17.23 -28.68
N ALA A 396 -2.58 -16.21 -27.87
CA ALA A 396 -3.12 -14.88 -28.12
C ALA A 396 -2.48 -14.18 -29.32
N THR A 397 -1.27 -14.59 -29.67
CA THR A 397 -0.52 -13.92 -30.73
C THR A 397 -0.24 -14.86 -31.90
#